data_3SAW
#
_entry.id   3SAW
#
_cell.length_a   45.295
_cell.length_b   97.299
_cell.length_c   102.736
_cell.angle_alpha   90.00
_cell.angle_beta   90.00
_cell.angle_gamma   90.00
#
_symmetry.space_group_name_H-M   'P 21 21 21'
#
loop_
_entity.id
_entity.type
_entity.pdbx_description
1 polymer 'DNA GLYCOSYLASE'
2 polymer "5'-D(*A*GP*GP*TP*AP*GP*AP*CP*AP*AP*GP*GP*AP*CP*GP*C)-3'"
3 polymer "5'-D(*TP*GP*CP*GP*TP*C*CP*TP*TP*GP*TP*(CX2)P*TP*AP*CP*C)-3'"
4 non-polymer 'ZINC ION'
5 water water
#
loop_
_entity_poly.entity_id
_entity_poly.type
_entity_poly.pdbx_seq_one_letter_code
_entity_poly.pdbx_strand_id
1 'polypeptide(L)'
;PELPEVETIRRTLLPLIVGKTIEDVRIFWPNIIRHPRDSEAFAARMIGQTVRGLERRGKFLKFLLDRDALISHLRMEGRY
AVASALEPLEPHTHVVFCFTDGSELRYRDVAKFGTMHVYAKEEADRRPPLAELGPEPLSPAFSPAVLAERAVKTKRSVKA
LLLDCTVVAGFGNIYVDESLFRAGILPGRPAASLSSKEIERLHEEMVATIGEAVMKGGSTVRTYVNTQGEAGTFQHHLYV
YGRQGNPCKRCGTPIEKTVVAGRGTHYCPRCQR
;
A
2 'polydeoxyribonucleotide' (DA)(DG)(DG)(DT)(DA)(DG)(DA)(DC)(DA)(DA)(DG)(DG)(DA)(DC)(DG)(DC) B
3 'polydeoxyribonucleotide' (DT)(DG)(DC)(DG)(DT)(DC)(DC)(DT)(DT)(DG)(DT)(CX2)(DT)(DA)(DC)(DC) C
#
loop_
_chem_comp.id
_chem_comp.type
_chem_comp.name
_chem_comp.formula
CX2 DNA linking 2'-deoxy-5'-O-{(R)-hydroxy[(2-sulfanylethyl)amino]phosphoryl}cytidine 'C11 H19 N4 O6 P S'
DA DNA linking 2'-DEOXYADENOSINE-5'-MONOPHOSPHATE 'C10 H14 N5 O6 P'
DC DNA linking 2'-DEOXYCYTIDINE-5'-MONOPHOSPHATE 'C9 H14 N3 O7 P'
DG DNA linking 2'-DEOXYGUANOSINE-5'-MONOPHOSPHATE 'C10 H14 N5 O7 P'
DT DNA linking THYMIDINE-5'-MONOPHOSPHATE 'C10 H15 N2 O8 P'
ZN non-polymer 'ZINC ION' 'Zn 2'
#
# COMPACT_ATOMS: atom_id res chain seq x y z
N PRO A 1 6.91 -0.12 1.99
CA PRO A 1 6.88 0.14 0.55
C PRO A 1 5.59 0.81 0.08
N GLU A 2 5.70 1.63 -0.95
CA GLU A 2 4.55 2.28 -1.58
C GLU A 2 3.85 1.33 -2.52
N LEU A 3 2.67 1.72 -3.00
CA LEU A 3 1.87 0.91 -3.90
C LEU A 3 2.66 0.34 -5.10
N PRO A 4 3.49 1.17 -5.77
CA PRO A 4 4.23 0.58 -6.89
C PRO A 4 5.25 -0.47 -6.47
N GLU A 5 5.88 -0.30 -5.31
CA GLU A 5 6.80 -1.32 -4.81
C GLU A 5 6.05 -2.62 -4.49
N VAL A 6 4.87 -2.48 -3.90
CA VAL A 6 4.05 -3.63 -3.56
C VAL A 6 3.59 -4.35 -4.82
N GLU A 7 3.28 -3.60 -5.88
CA GLU A 7 2.89 -4.26 -7.12
C GLU A 7 4.08 -5.01 -7.75
N THR A 8 5.29 -4.52 -7.49
CA THR A 8 6.50 -5.16 -7.98
C THR A 8 6.76 -6.44 -7.20
N ILE A 9 6.48 -6.40 -5.91
CA ILE A 9 6.54 -7.59 -5.06
C ILE A 9 5.49 -8.61 -5.50
N ARG A 10 4.25 -8.16 -5.66
CA ARG A 10 3.18 -9.02 -6.14
C ARG A 10 3.62 -9.80 -7.37
N ARG A 11 4.13 -9.07 -8.36
CA ARG A 11 4.45 -9.64 -9.65
C ARG A 11 5.66 -10.59 -9.63
N THR A 12 6.63 -10.33 -8.74
CA THR A 12 7.85 -11.11 -8.75
C THR A 12 7.81 -12.27 -7.77
N LEU A 13 7.01 -12.12 -6.71
CA LEU A 13 6.85 -13.17 -5.72
C LEU A 13 5.98 -14.30 -6.26
N LEU A 14 4.96 -13.97 -7.05
CA LEU A 14 3.96 -14.93 -7.48
C LEU A 14 4.53 -16.19 -8.15
N PRO A 15 5.40 -16.03 -9.17
CA PRO A 15 5.98 -17.22 -9.82
C PRO A 15 6.82 -18.05 -8.87
N LEU A 16 7.39 -17.41 -7.85
CA LEU A 16 8.25 -18.08 -6.89
C LEU A 16 7.48 -18.93 -5.87
N ILE A 17 6.16 -18.75 -5.76
CA ILE A 17 5.40 -19.48 -4.78
C ILE A 17 4.18 -20.22 -5.35
N VAL A 18 3.76 -19.86 -6.55
CA VAL A 18 2.54 -20.43 -7.08
C VAL A 18 2.63 -21.96 -7.21
N GLY A 19 1.57 -22.66 -6.83
CA GLY A 19 1.53 -24.12 -6.93
C GLY A 19 2.26 -24.82 -5.81
N LYS A 20 2.83 -24.06 -4.87
CA LYS A 20 3.47 -24.68 -3.71
C LYS A 20 2.49 -24.99 -2.57
N THR A 21 2.72 -26.11 -1.88
CA THR A 21 1.84 -26.54 -0.81
C THR A 21 2.49 -26.30 0.54
N ILE A 22 1.73 -25.67 1.44
CA ILE A 22 2.20 -25.37 2.78
C ILE A 22 2.19 -26.63 3.65
N GLU A 23 3.33 -26.89 4.28
CA GLU A 23 3.54 -28.07 5.11
C GLU A 23 3.68 -27.61 6.56
N ASP A 24 4.09 -26.35 6.74
CA ASP A 24 4.26 -25.79 8.08
C ASP A 24 4.22 -24.27 8.06
N VAL A 25 3.74 -23.68 9.14
CA VAL A 25 3.82 -22.23 9.34
C VAL A 25 4.49 -21.99 10.68
N ARG A 26 5.57 -21.21 10.68
CA ARG A 26 6.27 -20.97 11.92
C ARG A 26 6.28 -19.49 12.23
N ILE A 27 5.98 -19.17 13.49
CA ILE A 27 5.74 -17.79 13.90
C ILE A 27 6.61 -17.43 15.09
N PHE A 28 7.35 -16.34 14.95
CA PHE A 28 8.33 -15.93 15.96
C PHE A 28 7.94 -14.58 16.59
N TRP A 29 7.01 -13.87 15.97
CA TRP A 29 6.40 -12.70 16.59
C TRP A 29 4.89 -12.72 16.35
N PRO A 30 4.16 -13.39 17.25
CA PRO A 30 2.72 -13.69 17.11
C PRO A 30 1.84 -12.45 16.91
N ASN A 31 2.23 -11.30 17.43
CA ASN A 31 1.43 -10.10 17.31
C ASN A 31 1.22 -9.68 15.85
N ILE A 32 2.10 -10.13 14.96
CA ILE A 32 1.94 -9.89 13.52
C ILE A 32 0.64 -10.54 13.05
N ILE A 33 0.25 -11.63 13.72
CA ILE A 33 -0.97 -12.35 13.40
C ILE A 33 -2.19 -11.66 14.01
N ARG A 34 -3.04 -11.11 13.16
CA ARG A 34 -4.18 -10.34 13.60
C ARG A 34 -5.49 -11.12 13.49
N HIS A 35 -5.52 -12.10 12.58
CA HIS A 35 -6.68 -12.96 12.45
C HIS A 35 -6.36 -14.26 11.72
N PRO A 36 -6.79 -15.40 12.28
CA PRO A 36 -7.43 -15.50 13.61
C PRO A 36 -6.48 -14.97 14.68
N ARG A 37 -7.02 -14.55 15.83
CA ARG A 37 -6.21 -13.88 16.86
C ARG A 37 -5.16 -14.81 17.47
N ASP A 38 -5.56 -16.06 17.69
CA ASP A 38 -4.63 -17.11 18.12
C ASP A 38 -3.70 -17.53 16.98
N SER A 39 -2.41 -17.34 17.16
CA SER A 39 -1.48 -17.65 16.07
C SER A 39 -1.41 -19.15 15.73
N GLU A 40 -1.71 -20.01 16.70
CA GLU A 40 -1.69 -21.44 16.44
C GLU A 40 -2.82 -21.90 15.51
N ALA A 41 -3.96 -21.20 15.55
CA ALA A 41 -5.06 -21.47 14.65
C ALA A 41 -4.73 -20.96 13.26
N PHE A 42 -4.15 -19.76 13.19
CA PHE A 42 -3.58 -19.22 11.96
C PHE A 42 -2.63 -20.23 11.27
N ALA A 43 -1.64 -20.72 12.01
CA ALA A 43 -0.73 -21.73 11.47
C ALA A 43 -1.46 -23.01 11.06
N ALA A 44 -2.30 -23.53 11.95
CA ALA A 44 -2.92 -24.82 11.70
C ALA A 44 -3.78 -24.82 10.42
N ARG A 45 -4.50 -23.74 10.16
CA ARG A 45 -5.44 -23.74 9.05
C ARG A 45 -4.75 -23.62 7.69
N MET A 46 -3.57 -23.01 7.69
CA MET A 46 -2.80 -22.79 6.46
C MET A 46 -2.22 -24.10 5.94
N ILE A 47 -1.85 -24.98 6.86
CA ILE A 47 -1.15 -26.21 6.51
C ILE A 47 -1.97 -27.08 5.57
N GLY A 48 -1.33 -27.56 4.50
CA GLY A 48 -2.01 -28.37 3.50
C GLY A 48 -2.64 -27.58 2.35
N GLN A 49 -2.64 -26.26 2.46
CA GLN A 49 -3.20 -25.47 1.38
C GLN A 49 -2.13 -25.15 0.36
N THR A 50 -2.54 -25.11 -0.90
CA THR A 50 -1.63 -24.76 -1.97
C THR A 50 -1.86 -23.31 -2.39
N VAL A 51 -0.78 -22.59 -2.64
CA VAL A 51 -0.84 -21.21 -3.13
C VAL A 51 -1.29 -21.18 -4.60
N ARG A 52 -2.37 -20.47 -4.88
CA ARG A 52 -2.96 -20.43 -6.21
C ARG A 52 -2.81 -19.06 -6.86
N GLY A 53 -2.63 -18.02 -6.05
CA GLY A 53 -2.49 -16.68 -6.61
C GLY A 53 -1.98 -15.60 -5.66
N LEU A 54 -1.71 -14.44 -6.22
CA LEU A 54 -1.23 -13.31 -5.44
C LEU A 54 -1.75 -12.03 -6.08
N GLU A 55 -2.52 -11.28 -5.32
CA GLU A 55 -3.15 -10.08 -5.82
C GLU A 55 -2.77 -8.94 -4.90
N ARG A 56 -3.08 -7.73 -5.32
CA ARG A 56 -2.78 -6.56 -4.52
C ARG A 56 -4.03 -5.69 -4.40
N ARG A 57 -4.30 -5.22 -3.18
CA ARG A 57 -5.29 -4.18 -2.94
C ARG A 57 -4.63 -3.05 -2.15
N GLY A 58 -4.56 -1.86 -2.73
CA GLY A 58 -3.87 -0.76 -2.09
C GLY A 58 -2.43 -1.16 -1.81
N LYS A 59 -2.01 -1.07 -0.56
CA LYS A 59 -0.71 -1.61 -0.16
C LYS A 59 -0.78 -3.02 0.45
N PHE A 60 -1.95 -3.66 0.34
CA PHE A 60 -2.13 -5.03 0.84
C PHE A 60 -1.82 -6.07 -0.22
N LEU A 61 -1.06 -7.10 0.17
CA LEU A 61 -0.94 -8.28 -0.66
C LEU A 61 -2.00 -9.28 -0.22
N LYS A 62 -2.65 -9.90 -1.19
CA LYS A 62 -3.62 -10.95 -0.89
C LYS A 62 -3.11 -12.27 -1.48
N PHE A 63 -2.55 -13.13 -0.65
CA PHE A 63 -2.18 -14.47 -1.11
C PHE A 63 -3.45 -15.30 -1.17
N LEU A 64 -3.70 -15.92 -2.33
CA LEU A 64 -4.87 -16.78 -2.49
C LEU A 64 -4.44 -18.24 -2.46
N LEU A 65 -5.06 -19.01 -1.58
CA LEU A 65 -4.75 -20.43 -1.45
C LEU A 65 -5.95 -21.25 -1.91
N ASP A 66 -6.13 -22.45 -1.36
CA ASP A 66 -7.25 -23.30 -1.75
C ASP A 66 -8.56 -22.76 -1.19
N ARG A 67 -8.64 -22.62 0.13
CA ARG A 67 -9.87 -22.18 0.77
C ARG A 67 -9.74 -20.75 1.31
N ASP A 68 -8.52 -20.39 1.72
CA ASP A 68 -8.30 -19.14 2.43
C ASP A 68 -7.60 -18.04 1.61
N ALA A 69 -7.72 -16.81 2.10
CA ALA A 69 -6.90 -15.72 1.61
C ALA A 69 -6.03 -15.26 2.77
N LEU A 70 -4.75 -15.01 2.50
CA LEU A 70 -3.87 -14.36 3.46
C LEU A 70 -3.68 -12.89 3.09
N ILE A 71 -4.16 -12.00 3.96
CA ILE A 71 -4.03 -10.55 3.75
C ILE A 71 -2.84 -10.01 4.53
N SER A 72 -1.88 -9.48 3.79
CA SER A 72 -0.60 -9.09 4.36
C SER A 72 -0.27 -7.61 4.10
N HIS A 73 0.07 -6.88 5.15
CA HIS A 73 0.55 -5.53 4.98
C HIS A 73 1.99 -5.42 5.45
N LEU A 74 2.88 -4.91 4.59
CA LEU A 74 4.29 -4.74 4.96
C LEU A 74 4.50 -3.55 5.88
N ARG A 75 3.50 -2.67 5.94
CA ARG A 75 3.63 -1.37 6.64
C ARG A 75 4.98 -0.73 6.34
N MET A 76 5.65 -0.33 7.41
CA MET A 76 6.90 0.39 7.34
C MET A 76 7.99 -0.32 6.50
N GLU A 77 8.26 -1.58 6.79
CA GLU A 77 9.40 -2.24 6.16
C GLU A 77 9.41 -3.78 6.21
N GLY A 78 8.22 -4.39 6.16
CA GLY A 78 8.14 -5.81 5.96
C GLY A 78 8.73 -6.19 4.60
N ARG A 79 9.21 -7.43 4.51
CA ARG A 79 9.79 -7.93 3.28
C ARG A 79 9.58 -9.44 3.20
N TYR A 80 9.32 -9.92 2.00
CA TYR A 80 9.22 -11.34 1.72
C TYR A 80 10.41 -11.83 0.89
N ALA A 81 10.88 -13.04 1.16
CA ALA A 81 11.85 -13.70 0.28
C ALA A 81 11.57 -15.19 0.27
N VAL A 82 11.87 -15.83 -0.85
CA VAL A 82 11.76 -17.26 -0.96
C VAL A 82 13.17 -17.83 -0.93
N ALA A 83 13.39 -18.83 -0.08
CA ALA A 83 14.72 -19.43 0.06
C ALA A 83 14.61 -20.83 0.64
N SER A 84 15.75 -21.52 0.67
CA SER A 84 15.79 -22.92 1.07
C SER A 84 15.67 -23.12 2.58
N ALA A 85 14.94 -24.17 2.97
CA ALA A 85 14.83 -24.55 4.38
C ALA A 85 16.16 -24.97 4.99
N LEU A 86 17.16 -25.18 4.14
CA LEU A 86 18.46 -25.65 4.61
C LEU A 86 19.34 -24.50 5.09
N GLU A 87 19.08 -23.30 4.59
CA GLU A 87 19.83 -22.11 5.00
C GLU A 87 19.34 -21.52 6.33
N PRO A 88 20.24 -20.87 7.08
CA PRO A 88 19.85 -20.12 8.27
C PRO A 88 18.96 -18.93 7.94
N LEU A 89 18.00 -18.63 8.81
CA LEU A 89 17.13 -17.47 8.63
C LEU A 89 17.95 -16.17 8.73
N GLU A 90 17.63 -15.21 7.88
CA GLU A 90 18.14 -13.85 8.05
C GLU A 90 17.60 -13.29 9.36
N PRO A 91 18.21 -12.21 9.86
CA PRO A 91 17.71 -11.60 11.10
C PRO A 91 16.33 -10.98 10.93
N HIS A 92 15.56 -10.94 12.01
CA HIS A 92 14.27 -10.26 12.01
C HIS A 92 13.27 -10.98 11.13
N THR A 93 13.38 -12.30 11.09
CA THR A 93 12.40 -13.14 10.42
C THR A 93 11.33 -13.54 11.44
N HIS A 94 10.10 -13.11 11.22
CA HIS A 94 9.06 -13.33 12.20
C HIS A 94 8.03 -14.39 11.84
N VAL A 95 7.85 -14.65 10.55
CA VAL A 95 6.93 -15.67 10.09
C VAL A 95 7.57 -16.43 8.93
N VAL A 96 7.47 -17.76 8.96
CA VAL A 96 7.95 -18.58 7.85
C VAL A 96 6.90 -19.59 7.40
N PHE A 97 6.56 -19.57 6.11
CA PHE A 97 5.67 -20.57 5.54
C PHE A 97 6.57 -21.61 4.87
N CYS A 98 6.50 -22.85 5.33
CA CYS A 98 7.34 -23.91 4.79
C CYS A 98 6.58 -24.71 3.75
N PHE A 99 7.18 -24.88 2.58
CA PHE A 99 6.55 -25.59 1.48
C PHE A 99 7.02 -27.04 1.42
N THR A 100 6.23 -27.92 0.81
CA THR A 100 6.57 -29.33 0.76
C THR A 100 7.80 -29.63 -0.10
N ASP A 101 8.24 -28.66 -0.90
CA ASP A 101 9.42 -28.88 -1.77
C ASP A 101 10.73 -28.43 -1.10
N GLY A 102 10.69 -28.10 0.19
CA GLY A 102 11.87 -27.72 0.92
C GLY A 102 12.24 -26.24 0.85
N SER A 103 11.42 -25.45 0.16
CA SER A 103 11.63 -24.00 0.10
C SER A 103 10.70 -23.32 1.10
N GLU A 104 10.97 -22.05 1.35
CA GLU A 104 10.23 -21.31 2.35
C GLU A 104 9.89 -19.92 1.86
N LEU A 105 8.72 -19.44 2.28
CA LEU A 105 8.38 -18.04 2.14
C LEU A 105 8.62 -17.40 3.49
N ARG A 106 9.56 -16.47 3.53
CA ARG A 106 9.97 -15.85 4.78
C ARG A 106 9.54 -14.41 4.87
N TYR A 107 8.98 -14.05 6.02
CA TYR A 107 8.59 -12.68 6.25
C TYR A 107 9.53 -12.06 7.30
N ARG A 108 10.22 -11.00 6.90
CA ARG A 108 11.11 -10.25 7.77
C ARG A 108 10.54 -8.86 7.97
N ASP A 109 10.74 -8.29 9.15
CA ASP A 109 10.19 -6.97 9.48
C ASP A 109 10.86 -6.48 10.76
N VAL A 110 11.81 -5.55 10.64
CA VAL A 110 12.54 -5.05 11.82
C VAL A 110 11.58 -4.32 12.77
N ALA A 111 10.68 -3.52 12.21
CA ALA A 111 9.73 -2.75 13.00
C ALA A 111 8.67 -3.62 13.67
N LYS A 112 8.39 -4.78 13.09
CA LYS A 112 7.28 -5.61 13.50
C LYS A 112 5.97 -4.84 13.41
N PHE A 113 5.84 -4.01 12.37
CA PHE A 113 4.62 -3.24 12.18
C PHE A 113 3.63 -3.98 11.29
N GLY A 114 4.16 -4.82 10.39
CA GLY A 114 3.35 -5.60 9.46
C GLY A 114 2.29 -6.45 10.14
N THR A 115 1.22 -6.75 9.39
CA THR A 115 0.08 -7.51 9.89
C THR A 115 -0.28 -8.67 8.96
N MET A 116 -0.95 -9.67 9.52
CA MET A 116 -1.48 -10.78 8.72
C MET A 116 -2.89 -11.19 9.17
N HIS A 117 -3.84 -11.26 8.24
CA HIS A 117 -5.19 -11.75 8.50
C HIS A 117 -5.51 -12.91 7.55
N VAL A 118 -6.03 -14.00 8.08
CA VAL A 118 -6.48 -15.10 7.23
C VAL A 118 -7.99 -15.29 7.35
N TYR A 119 -8.68 -15.25 6.22
CA TYR A 119 -10.11 -15.48 6.15
C TYR A 119 -10.39 -16.44 4.99
N ALA A 120 -11.53 -17.12 5.04
CA ALA A 120 -12.05 -17.77 3.84
C ALA A 120 -12.05 -16.72 2.73
N LYS A 121 -11.64 -17.13 1.53
CA LYS A 121 -11.54 -16.20 0.39
C LYS A 121 -12.75 -15.28 0.28
N GLU A 122 -13.94 -15.88 0.17
CA GLU A 122 -15.19 -15.15 -0.01
C GLU A 122 -15.43 -14.06 1.05
N GLU A 123 -14.74 -14.17 2.18
CA GLU A 123 -14.99 -13.32 3.32
C GLU A 123 -13.98 -12.16 3.36
N ALA A 124 -12.83 -12.35 2.73
CA ALA A 124 -11.73 -11.39 2.85
C ALA A 124 -12.12 -9.96 2.49
N ASP A 125 -12.87 -9.78 1.42
CA ASP A 125 -13.17 -8.44 0.96
C ASP A 125 -14.22 -7.71 1.79
N ARG A 126 -14.91 -8.44 2.67
CA ARG A 126 -15.92 -7.81 3.51
C ARG A 126 -15.56 -7.89 4.99
N ARG A 127 -14.27 -7.94 5.28
CA ARG A 127 -13.75 -8.00 6.65
C ARG A 127 -12.57 -7.05 6.78
N PRO A 128 -12.21 -6.71 8.02
CA PRO A 128 -10.96 -5.98 8.24
C PRO A 128 -9.80 -6.81 7.74
N PRO A 129 -8.80 -6.18 7.11
CA PRO A 129 -8.73 -4.74 6.84
C PRO A 129 -9.12 -4.33 5.43
N LEU A 130 -9.57 -5.25 4.57
CA LEU A 130 -9.92 -4.87 3.21
C LEU A 130 -11.28 -4.21 3.09
N ALA A 131 -12.10 -4.37 4.13
CA ALA A 131 -13.53 -4.04 4.04
C ALA A 131 -13.81 -2.63 3.53
N GLU A 132 -13.18 -1.63 4.13
CA GLU A 132 -13.52 -0.26 3.79
C GLU A 132 -12.62 0.36 2.72
N LEU A 133 -11.66 -0.40 2.20
CA LEU A 133 -10.74 0.12 1.18
C LEU A 133 -11.43 0.81 0.00
N GLY A 134 -10.87 1.94 -0.42
CA GLY A 134 -11.33 2.66 -1.59
C GLY A 134 -10.85 2.02 -2.89
N PRO A 135 -11.29 2.59 -4.02
CA PRO A 135 -10.97 2.03 -5.35
C PRO A 135 -9.49 2.11 -5.69
N GLU A 136 -9.04 1.21 -6.53
CA GLU A 136 -7.68 1.25 -7.03
C GLU A 136 -7.51 2.54 -7.82
N PRO A 137 -6.41 3.28 -7.55
CA PRO A 137 -6.21 4.57 -8.21
C PRO A 137 -6.16 4.42 -9.74
N LEU A 138 -5.62 3.31 -10.20
CA LEU A 138 -5.47 3.06 -11.65
C LEU A 138 -6.66 2.36 -12.29
N SER A 139 -7.80 2.30 -11.61
CA SER A 139 -8.98 1.67 -12.16
C SER A 139 -10.09 2.68 -12.46
N PRO A 140 -11.01 2.31 -13.35
CA PRO A 140 -12.18 3.13 -13.69
C PRO A 140 -13.00 3.54 -12.47
N ALA A 141 -13.03 2.69 -11.44
CA ALA A 141 -13.79 2.97 -10.24
C ALA A 141 -13.33 4.24 -9.56
N PHE A 142 -12.04 4.56 -9.66
CA PHE A 142 -11.55 5.83 -9.12
C PHE A 142 -11.55 6.91 -10.19
N SER A 143 -12.53 7.80 -10.12
CA SER A 143 -12.77 8.74 -11.18
C SER A 143 -12.94 10.17 -10.64
N PRO A 144 -12.94 11.17 -11.53
CA PRO A 144 -13.12 12.53 -11.06
C PRO A 144 -14.40 12.68 -10.26
N ALA A 145 -15.45 11.98 -10.68
CA ALA A 145 -16.74 12.09 -10.01
C ALA A 145 -16.70 11.55 -8.58
N VAL A 146 -16.00 10.44 -8.39
CA VAL A 146 -15.90 9.79 -7.09
C VAL A 146 -15.10 10.67 -6.15
N LEU A 147 -14.05 11.26 -6.71
CA LEU A 147 -13.17 12.15 -5.97
C LEU A 147 -13.90 13.45 -5.71
N ALA A 148 -14.65 13.93 -6.69
CA ALA A 148 -15.45 15.14 -6.52
C ALA A 148 -16.45 14.93 -5.39
N GLU A 149 -17.14 13.79 -5.40
CA GLU A 149 -18.18 13.51 -4.42
C GLU A 149 -17.67 13.55 -2.99
N ARG A 150 -16.44 13.11 -2.78
CA ARG A 150 -15.86 13.12 -1.45
C ARG A 150 -15.36 14.50 -1.01
N ALA A 151 -14.74 15.21 -1.95
CA ALA A 151 -14.13 16.50 -1.65
C ALA A 151 -15.14 17.49 -1.15
N VAL A 152 -16.32 17.48 -1.76
CA VAL A 152 -17.34 18.46 -1.47
C VAL A 152 -18.16 18.16 -0.21
N LYS A 153 -17.78 17.12 0.53
CA LYS A 153 -18.50 16.73 1.75
C LYS A 153 -17.71 17.01 3.03
N THR A 154 -16.48 17.49 2.86
CA THR A 154 -15.54 17.60 3.97
C THR A 154 -14.79 18.92 3.94
N LYS A 155 -14.36 19.40 5.10
CA LYS A 155 -13.68 20.68 5.18
C LYS A 155 -12.16 20.53 5.28
N ARG A 156 -11.69 19.30 5.46
CA ARG A 156 -10.26 19.09 5.69
C ARG A 156 -9.40 19.22 4.44
N SER A 157 -8.09 19.16 4.63
CA SER A 157 -7.15 19.42 3.55
C SER A 157 -7.28 18.39 2.43
N VAL A 158 -7.09 18.84 1.20
CA VAL A 158 -7.10 17.93 0.05
C VAL A 158 -6.06 16.83 0.22
N LYS A 159 -4.94 17.13 0.87
CA LYS A 159 -3.95 16.11 1.19
C LYS A 159 -4.52 15.06 2.14
N ALA A 160 -5.20 15.51 3.19
CA ALA A 160 -5.82 14.62 4.17
C ALA A 160 -6.87 13.72 3.52
N LEU A 161 -7.63 14.27 2.58
CA LEU A 161 -8.60 13.49 1.82
C LEU A 161 -7.89 12.38 1.03
N LEU A 162 -6.83 12.73 0.32
CA LEU A 162 -6.16 11.76 -0.55
C LEU A 162 -5.39 10.69 0.22
N LEU A 163 -5.08 10.96 1.49
CA LEU A 163 -4.34 10.00 2.32
C LEU A 163 -5.32 9.05 2.98
N ASP A 164 -6.60 9.32 2.78
CA ASP A 164 -7.68 8.51 3.33
C ASP A 164 -7.93 7.27 2.47
N CYS A 165 -7.58 6.11 3.01
CA CYS A 165 -7.69 4.84 2.28
C CYS A 165 -9.11 4.49 1.79
N THR A 166 -10.14 5.14 2.34
CA THR A 166 -11.51 4.92 1.87
C THR A 166 -11.82 5.71 0.60
N VAL A 167 -11.10 6.80 0.40
CA VAL A 167 -11.24 7.59 -0.82
C VAL A 167 -10.58 6.89 -2.00
N VAL A 168 -9.35 6.42 -1.78
CA VAL A 168 -8.58 5.77 -2.84
C VAL A 168 -7.54 4.86 -2.21
N ALA A 169 -7.33 3.70 -2.81
CA ALA A 169 -6.47 2.69 -2.19
C ALA A 169 -4.97 2.92 -2.36
N GLY A 170 -4.27 3.02 -1.24
CA GLY A 170 -2.83 2.93 -1.23
C GLY A 170 -2.09 4.11 -1.83
N PHE A 171 -2.72 5.29 -1.82
CA PHE A 171 -2.04 6.49 -2.30
C PHE A 171 -1.11 7.06 -1.22
N GLY A 172 0.19 6.87 -1.42
CA GLY A 172 1.18 7.25 -0.41
C GLY A 172 1.48 8.73 -0.28
N ASN A 173 2.17 9.06 0.80
CA ASN A 173 2.58 10.44 1.10
C ASN A 173 3.36 11.09 -0.04
N ILE A 174 4.38 10.40 -0.51
CA ILE A 174 5.18 10.86 -1.62
C ILE A 174 4.32 11.16 -2.85
N TYR A 175 3.30 10.34 -3.12
CA TYR A 175 2.51 10.51 -4.33
C TYR A 175 1.43 11.59 -4.20
N VAL A 176 0.97 11.80 -2.97
CA VAL A 176 0.06 12.90 -2.69
C VAL A 176 0.76 14.25 -2.98
N ASP A 177 1.93 14.48 -2.37
CA ASP A 177 2.68 15.71 -2.60
C ASP A 177 2.97 15.91 -4.09
N GLU A 178 3.55 14.89 -4.72
CA GLU A 178 3.91 14.97 -6.13
C GLU A 178 2.71 15.28 -7.02
N SER A 179 1.59 14.60 -6.77
CA SER A 179 0.36 14.76 -7.57
C SER A 179 -0.25 16.15 -7.42
N LEU A 180 -0.26 16.64 -6.17
CA LEU A 180 -0.75 17.97 -5.88
C LEU A 180 0.13 19.02 -6.55
N PHE A 181 1.44 18.82 -6.48
CA PHE A 181 2.37 19.69 -7.19
C PHE A 181 2.05 19.74 -8.68
N ARG A 182 2.00 18.58 -9.30
CA ARG A 182 1.75 18.47 -10.73
C ARG A 182 0.41 19.07 -11.14
N ALA A 183 -0.55 19.03 -10.22
CA ALA A 183 -1.87 19.58 -10.47
C ALA A 183 -1.95 21.07 -10.09
N GLY A 184 -0.90 21.60 -9.49
CA GLY A 184 -0.85 22.99 -9.11
C GLY A 184 -1.80 23.38 -7.98
N ILE A 185 -2.00 22.46 -7.04
CA ILE A 185 -2.89 22.68 -5.91
C ILE A 185 -2.12 22.57 -4.61
N LEU A 186 -2.39 23.48 -3.66
CA LEU A 186 -1.71 23.44 -2.37
C LEU A 186 -2.26 22.34 -1.48
N PRO A 187 -1.35 21.59 -0.83
CA PRO A 187 -1.71 20.43 -0.03
C PRO A 187 -2.62 20.81 1.15
N GLY A 188 -2.47 22.04 1.63
CA GLY A 188 -3.25 22.51 2.76
C GLY A 188 -4.63 23.03 2.40
N ARG A 189 -4.95 23.11 1.11
CA ARG A 189 -6.26 23.62 0.70
C ARG A 189 -7.40 22.72 1.14
N PRO A 190 -8.53 23.31 1.55
CA PRO A 190 -9.72 22.55 1.92
C PRO A 190 -10.28 21.81 0.71
N ALA A 191 -10.55 20.52 0.89
CA ALA A 191 -11.02 19.69 -0.21
C ALA A 191 -12.24 20.32 -0.88
N ALA A 192 -13.15 20.85 -0.05
CA ALA A 192 -14.37 21.47 -0.56
C ALA A 192 -14.13 22.80 -1.31
N SER A 193 -12.91 23.31 -1.26
CA SER A 193 -12.56 24.56 -1.96
C SER A 193 -12.12 24.35 -3.41
N LEU A 194 -11.84 23.10 -3.79
CA LEU A 194 -11.37 22.81 -5.13
C LEU A 194 -12.47 22.94 -6.18
N SER A 195 -12.13 23.57 -7.30
CA SER A 195 -13.07 23.67 -8.41
C SER A 195 -13.22 22.31 -9.07
N SER A 196 -14.07 22.23 -10.07
CA SER A 196 -14.29 20.96 -10.76
C SER A 196 -13.18 20.74 -11.78
N LYS A 197 -12.62 21.82 -12.32
CA LYS A 197 -11.51 21.68 -13.24
C LYS A 197 -10.28 21.25 -12.45
N GLU A 198 -10.23 21.69 -11.19
CA GLU A 198 -9.14 21.35 -10.28
C GLU A 198 -9.15 19.87 -9.89
N ILE A 199 -10.32 19.32 -9.56
CA ILE A 199 -10.42 17.91 -9.20
C ILE A 199 -10.11 17.02 -10.41
N GLU A 200 -10.48 17.48 -11.59
CA GLU A 200 -10.23 16.76 -12.84
C GLU A 200 -8.74 16.74 -13.16
N ARG A 201 -8.06 17.82 -12.82
CA ARG A 201 -6.62 17.94 -13.00
C ARG A 201 -5.90 17.07 -11.98
N LEU A 202 -6.31 17.19 -10.71
CA LEU A 202 -5.78 16.36 -9.63
C LEU A 202 -5.97 14.87 -9.94
N HIS A 203 -7.19 14.50 -10.34
CA HIS A 203 -7.47 13.10 -10.61
C HIS A 203 -6.49 12.60 -11.65
N GLU A 204 -6.31 13.42 -12.68
CA GLU A 204 -5.52 13.06 -13.83
C GLU A 204 -4.01 13.04 -13.52
N GLU A 205 -3.58 13.87 -12.59
CA GLU A 205 -2.19 13.83 -12.17
C GLU A 205 -1.92 12.69 -11.19
N MET A 206 -2.92 12.36 -10.36
CA MET A 206 -2.85 11.19 -9.49
C MET A 206 -2.63 9.91 -10.30
N VAL A 207 -3.42 9.72 -11.34
CA VAL A 207 -3.30 8.54 -12.19
C VAL A 207 -1.96 8.49 -12.92
N ALA A 208 -1.49 9.63 -13.40
CA ALA A 208 -0.22 9.67 -14.12
C ALA A 208 0.94 9.39 -13.20
N THR A 209 0.90 9.99 -12.02
CA THR A 209 2.01 9.88 -11.09
C THR A 209 2.17 8.46 -10.61
N ILE A 210 1.09 7.89 -10.10
CA ILE A 210 1.10 6.51 -9.64
C ILE A 210 1.32 5.55 -10.82
N GLY A 211 0.74 5.87 -11.97
CA GLY A 211 0.91 5.09 -13.18
C GLY A 211 2.32 5.00 -13.75
N GLU A 212 3.08 6.09 -13.66
CA GLU A 212 4.47 6.07 -14.12
C GLU A 212 5.36 5.29 -13.16
N ALA A 213 5.02 5.36 -11.88
CA ALA A 213 5.82 4.71 -10.84
C ALA A 213 5.67 3.21 -10.97
N VAL A 214 4.44 2.76 -11.19
CA VAL A 214 4.13 1.36 -11.42
C VAL A 214 4.93 0.81 -12.60
N MET A 215 4.97 1.55 -13.71
CA MET A 215 5.77 1.16 -14.87
C MET A 215 7.18 1.74 -14.81
N HIS A 237 12.98 10.62 -10.26
CA HIS A 237 12.70 11.99 -10.71
C HIS A 237 11.50 12.59 -9.98
N LEU A 238 11.80 13.28 -8.88
CA LEU A 238 10.80 13.88 -8.02
C LEU A 238 10.75 15.40 -8.16
N TYR A 239 9.57 15.98 -7.93
CA TYR A 239 9.39 17.43 -8.03
C TYR A 239 9.53 18.16 -6.70
N VAL A 240 8.92 17.61 -5.64
CA VAL A 240 8.87 18.31 -4.36
C VAL A 240 9.24 17.44 -3.16
N TYR A 241 8.92 16.15 -3.22
CA TYR A 241 9.15 15.28 -2.06
C TYR A 241 10.64 15.13 -1.71
N GLY A 242 10.98 15.44 -0.46
CA GLY A 242 12.35 15.44 0.01
C GLY A 242 13.24 16.54 -0.57
N ARG A 243 12.65 17.52 -1.26
CA ARG A 243 13.45 18.51 -1.96
C ARG A 243 13.39 19.90 -1.36
N GLN A 244 12.81 20.01 -0.17
CA GLN A 244 12.72 21.26 0.56
C GLN A 244 14.08 21.95 0.62
N GLY A 245 14.09 23.26 0.41
CA GLY A 245 15.34 24.01 0.37
C GLY A 245 15.90 24.12 -1.03
N ASN A 246 15.48 23.22 -1.91
CA ASN A 246 15.99 23.20 -3.26
C ASN A 246 15.07 23.91 -4.24
N PRO A 247 15.63 24.39 -5.34
CA PRO A 247 14.86 25.07 -6.37
C PRO A 247 13.79 24.16 -6.97
N CYS A 248 12.56 24.65 -7.09
CA CYS A 248 11.53 23.93 -7.82
C CYS A 248 12.03 23.69 -9.24
N LYS A 249 11.73 22.51 -9.80
CA LYS A 249 12.23 22.14 -11.12
C LYS A 249 11.51 22.85 -12.25
N ARG A 250 10.37 23.47 -11.95
CA ARG A 250 9.63 24.21 -12.97
C ARG A 250 9.81 25.74 -12.94
N CYS A 251 9.99 26.32 -11.74
CA CYS A 251 10.01 27.77 -11.60
C CYS A 251 11.19 28.29 -10.79
N GLY A 252 11.88 27.37 -10.10
CA GLY A 252 13.11 27.70 -9.40
C GLY A 252 12.92 28.26 -7.99
N THR A 253 11.66 28.38 -7.58
CA THR A 253 11.31 28.77 -6.23
C THR A 253 11.68 27.66 -5.23
N PRO A 254 12.39 28.03 -4.15
CA PRO A 254 12.71 27.03 -3.12
C PRO A 254 11.48 26.23 -2.67
N ILE A 255 11.60 24.91 -2.75
CA ILE A 255 10.56 24.02 -2.25
C ILE A 255 10.45 24.19 -0.72
N GLU A 256 9.22 24.15 -0.23
CA GLU A 256 8.99 24.32 1.19
C GLU A 256 8.45 23.06 1.84
N LYS A 257 8.76 22.87 3.12
CA LYS A 257 8.31 21.70 3.86
C LYS A 257 7.58 22.11 5.14
N THR A 258 6.32 21.70 5.26
CA THR A 258 5.57 21.91 6.50
C THR A 258 4.95 20.61 6.99
N VAL A 259 3.97 20.72 7.87
CA VAL A 259 3.22 19.58 8.40
C VAL A 259 1.74 19.68 8.00
N VAL A 260 1.27 18.68 7.27
CA VAL A 260 -0.14 18.58 6.88
C VAL A 260 -0.61 17.14 7.11
N ALA A 261 -1.79 16.99 7.70
CA ALA A 261 -2.36 15.67 7.98
C ALA A 261 -1.33 14.59 8.39
N GLY A 262 -0.38 14.94 9.25
CA GLY A 262 0.69 14.03 9.62
C GLY A 262 1.90 14.73 10.22
N ARG A 263 3.04 14.83 9.55
CA ARG A 263 3.35 14.27 8.23
C ARG A 263 4.12 15.31 7.40
N GLY A 264 5.23 14.90 6.80
CA GLY A 264 6.01 15.83 6.01
C GLY A 264 5.28 16.20 4.73
N THR A 265 5.00 17.48 4.53
CA THR A 265 4.38 17.95 3.30
C THR A 265 5.29 18.88 2.51
N HIS A 266 5.52 18.54 1.26
CA HIS A 266 6.41 19.29 0.40
C HIS A 266 5.63 19.94 -0.73
N TYR A 267 5.98 21.19 -1.03
CA TYR A 267 5.25 21.91 -2.08
C TYR A 267 6.03 23.14 -2.61
N CYS A 268 5.68 23.56 -3.82
CA CYS A 268 6.12 24.86 -4.31
C CYS A 268 5.06 25.91 -4.04
N PRO A 269 5.45 27.01 -3.40
CA PRO A 269 4.56 28.15 -3.06
C PRO A 269 4.11 28.91 -4.30
N ARG A 270 4.85 28.80 -5.40
CA ARG A 270 4.52 29.51 -6.63
C ARG A 270 3.69 28.65 -7.59
N CYS A 271 4.14 27.42 -7.83
CA CYS A 271 3.45 26.54 -8.76
C CYS A 271 2.12 26.04 -8.23
N GLN A 272 2.00 25.96 -6.90
CA GLN A 272 0.79 25.40 -6.31
C GLN A 272 -0.05 26.50 -5.69
N ARG A 273 -1.36 26.44 -5.92
CA ARG A 273 -2.26 27.50 -5.51
C ARG A 273 -3.38 26.99 -4.60
P CX2 C 12 -7.14 -0.46 7.96
S CX2 C 12 -9.61 2.16 4.25
N1 CX2 C 12 -8.29 3.16 11.04
C2 CX2 C 12 -7.59 4.20 11.69
O2 CX2 C 12 -7.25 4.09 12.88
N3 CX2 C 12 -7.27 5.35 10.99
C4 CX2 C 12 -7.65 5.48 9.64
N4 CX2 C 12 -7.34 6.59 8.99
C5 CX2 C 12 -8.34 4.47 9.01
C6 CX2 C 12 -8.66 3.30 9.70
C1' CX2 C 12 -8.61 1.92 11.76
C2' CX2 C 12 -9.46 1.06 10.86
C3' CX2 C 12 -9.23 -0.29 11.50
O3' CX2 C 12 -9.91 -0.25 12.76
C4' CX2 C 12 -7.73 -0.24 11.76
N4' CX2 C 12 -8.30 -0.65 6.84
O4' CX2 C 12 -7.38 1.18 11.87
C5' CX2 C 12 -6.97 -0.84 10.57
O5' CX2 C 12 -7.78 -0.85 9.38
C7' CX2 C 12 -8.30 0.07 5.57
C8' CX2 C 12 -9.64 0.76 5.43
OP1 CX2 C 12 -6.00 -1.37 7.68
ZN ZN D . 7.49 25.98 -8.78
#